data_4E93
#
_entry.id   4E93
#
_cell.length_a   54.970
_cell.length_b   35.330
_cell.length_c   100.720
_cell.angle_alpha   90.000
_cell.angle_beta   96.580
_cell.angle_gamma   90.000
#
_symmetry.space_group_name_H-M   'P 1 21 1'
#
loop_
_entity.id
_entity.type
_entity.pdbx_description
1 polymer 'Tyrosine-protein kinase Fes/Fps'
2 non-polymer "5-CHLORO-N-[2-METHOXY-4-[4-(4-METHYLPIPERAZIN-1-YL)PIPERIDIN-1-YL]PHENYL]-N'-(2-PROPAN-2-YLSULFONYLPHENYL)PYRIMIDINE-2,4-DIAMINE"
3 water water
#
_entity_poly.entity_id   1
_entity_poly.type   'polypeptide(L)'
_entity_poly.pdbx_seq_one_letter_code
;SMIPEVQKPLHEQLWYHGAIPRAEVAELLVHSGDFLVRESQGKQEYVLSVLWDGLPRHFIIQSLDNLYRLEGEGFPSIPL
LIDHLLSTQQPLTKKSGVVLHRAVPKDKWVLNHEDLVLGEQIGRGNFGEVFSGRLRADNTLVAVKSCRETLPPDLKAKFL
QEARILKQYSHPNIVRLIGVCTQKQPIYIVMELVQGGDFLTFLRTEGARLRVKTLLQMVGDAAAGMEYLESKCCIHRDLA
ARNCLVTEKNVLKISDFGMSREEADGVYAASGGLRQVPVKWTAPEALNYGRYSSESDVWSFGILLWETFSLGASPYPNLS
NQQTREFVEKGGRLPCPELCPDAVFRLMEQCWAYEPGQRPSFSTIYQELQSIRKRHR
;
_entity_poly.pdbx_strand_id   A
#
# COMPACT_ATOMS: atom_id res chain seq x y z
N SER A 1 24.81 -23.71 -18.36
CA SER A 1 24.46 -24.15 -19.71
C SER A 1 23.18 -23.45 -20.14
N MET A 2 23.34 -22.17 -20.49
CA MET A 2 22.27 -21.34 -21.00
C MET A 2 22.92 -20.47 -22.08
N ILE A 3 22.48 -19.23 -22.27
CA ILE A 3 23.16 -18.40 -23.24
C ILE A 3 23.76 -17.20 -22.51
N PRO A 4 24.65 -16.44 -23.16
CA PRO A 4 25.17 -15.22 -22.55
C PRO A 4 24.04 -14.27 -22.17
N GLU A 5 24.11 -13.71 -20.96
CA GLU A 5 23.11 -12.78 -20.46
C GLU A 5 22.86 -11.63 -21.42
N VAL A 6 23.94 -11.15 -22.03
CA VAL A 6 23.88 -9.98 -22.93
C VAL A 6 23.12 -10.28 -24.25
N GLN A 7 22.87 -11.56 -24.52
CA GLN A 7 22.07 -11.95 -25.71
C GLN A 7 20.58 -12.12 -25.40
N LYS A 8 20.21 -11.99 -24.13
CA LYS A 8 18.79 -12.03 -23.73
C LYS A 8 18.09 -10.71 -24.02
N PRO A 9 16.79 -10.80 -24.40
CA PRO A 9 15.98 -9.63 -24.65
C PRO A 9 16.06 -8.62 -23.49
N LEU A 10 15.98 -7.35 -23.82
CA LEU A 10 15.96 -6.29 -22.79
C LEU A 10 15.00 -6.58 -21.62
N HIS A 11 13.81 -7.06 -21.95
CA HIS A 11 12.77 -7.18 -20.95
C HIS A 11 13.04 -8.31 -19.99
N GLU A 12 13.98 -9.20 -20.32
CA GLU A 12 14.41 -10.22 -19.37
C GLU A 12 15.55 -9.78 -18.49
N GLN A 13 16.18 -8.63 -18.79
CA GLN A 13 17.38 -8.23 -18.05
C GLN A 13 17.02 -7.89 -16.61
N LEU A 14 17.84 -8.31 -15.66
CA LEU A 14 17.54 -8.02 -14.25
C LEU A 14 17.60 -6.54 -13.93
N TRP A 15 18.40 -5.80 -14.70
CA TRP A 15 18.58 -4.36 -14.52
C TRP A 15 17.64 -3.55 -15.34
N TYR A 16 16.65 -4.21 -15.99
CA TYR A 16 15.60 -3.49 -16.68
C TYR A 16 14.38 -3.43 -15.73
N HIS A 17 14.01 -2.20 -15.36
CA HIS A 17 12.96 -1.91 -14.36
C HIS A 17 11.68 -1.35 -14.93
N GLY A 18 11.59 -1.22 -16.26
CA GLY A 18 10.32 -0.95 -16.92
C GLY A 18 9.65 0.38 -16.61
N ALA A 19 8.50 0.32 -15.96
CA ALA A 19 7.68 1.47 -15.79
C ALA A 19 7.86 2.14 -14.45
N ILE A 20 8.98 1.91 -13.75
CA ILE A 20 9.15 2.58 -12.45
C ILE A 20 9.26 4.09 -12.66
N PRO A 21 8.52 4.89 -11.88
CA PRO A 21 8.56 6.36 -12.01
C PRO A 21 9.94 6.93 -11.72
N ARG A 22 10.24 8.09 -12.29
CA ARG A 22 11.52 8.79 -12.10
C ARG A 22 11.80 8.90 -10.58
N ALA A 23 10.79 9.33 -9.84
CA ALA A 23 10.87 9.39 -8.36
C ALA A 23 11.40 8.09 -7.72
N GLU A 24 10.89 6.94 -8.13
CA GLU A 24 11.22 5.64 -7.51
C GLU A 24 12.67 5.25 -7.82
N VAL A 25 13.18 5.68 -8.98
CA VAL A 25 14.57 5.44 -9.38
C VAL A 25 15.57 5.90 -8.30
N ALA A 26 15.31 7.05 -7.67
CA ALA A 26 16.14 7.56 -6.57
C ALA A 26 16.24 6.62 -5.34
N GLU A 27 15.18 5.86 -5.06
CA GLU A 27 15.19 4.90 -3.96
C GLU A 27 16.01 3.63 -4.26
N LEU A 28 16.27 3.34 -5.53
CA LEU A 28 16.91 2.08 -5.91
C LEU A 28 18.43 2.19 -6.13
N LEU A 29 18.90 3.35 -6.60
CA LEU A 29 20.34 3.56 -6.77
C LEU A 29 21.01 4.02 -5.47
N VAL A 30 22.07 3.34 -5.03
CA VAL A 30 22.82 3.69 -3.82
C VAL A 30 24.14 4.40 -4.16
N HIS A 31 25.12 3.66 -4.69
CA HIS A 31 26.46 4.20 -4.90
C HIS A 31 26.62 4.89 -6.24
N SER A 32 27.66 5.72 -6.34
CA SER A 32 28.02 6.38 -7.60
C SER A 32 28.12 5.30 -8.68
N GLY A 33 27.48 5.55 -9.83
CA GLY A 33 27.59 4.63 -10.98
C GLY A 33 26.59 3.51 -11.00
N ASP A 34 25.75 3.39 -9.96
CA ASP A 34 24.60 2.48 -10.01
C ASP A 34 23.72 2.93 -11.15
N PHE A 35 23.14 1.96 -11.84
CA PHE A 35 22.29 2.29 -12.94
C PHE A 35 21.24 1.22 -13.15
N LEU A 36 20.27 1.58 -13.95
CA LEU A 36 19.25 0.66 -14.34
C LEU A 36 18.75 1.25 -15.59
N VAL A 37 18.03 0.43 -16.33
CA VAL A 37 17.39 0.91 -17.52
C VAL A 37 15.90 0.83 -17.31
N ARG A 38 15.19 1.79 -17.91
CA ARG A 38 13.75 1.90 -17.70
C ARG A 38 13.10 2.52 -18.92
N GLU A 39 11.78 2.42 -18.99
CA GLU A 39 11.02 3.06 -20.03
C GLU A 39 10.67 4.45 -19.54
N SER A 40 10.52 5.39 -20.45
CA SER A 40 10.04 6.70 -20.04
C SER A 40 8.54 6.84 -20.31
N GLN A 41 7.90 7.67 -19.47
CA GLN A 41 6.58 8.21 -19.73
C GLN A 41 6.34 8.47 -21.21
N GLN A 44 7.43 7.62 -25.32
CA GLN A 44 7.99 6.43 -24.68
C GLN A 44 9.18 5.87 -25.46
N GLU A 45 10.39 6.27 -25.05
CA GLU A 45 11.67 5.67 -25.48
C GLU A 45 12.39 5.08 -24.23
N TYR A 46 13.64 4.59 -24.35
CA TYR A 46 14.32 4.01 -23.18
C TYR A 46 15.32 4.98 -22.58
N VAL A 47 15.46 4.86 -21.26
CA VAL A 47 16.26 5.77 -20.48
C VAL A 47 17.20 4.95 -19.61
N LEU A 48 18.47 5.37 -19.61
CA LEU A 48 19.53 4.81 -18.78
C LEU A 48 19.70 5.76 -17.61
N SER A 49 19.27 5.32 -16.43
CA SER A 49 19.31 6.18 -15.22
C SER A 49 20.51 5.80 -14.40
N VAL A 50 21.35 6.77 -14.06
CA VAL A 50 22.62 6.45 -13.41
C VAL A 50 22.83 7.45 -12.30
N LEU A 51 23.28 6.99 -11.13
CA LEU A 51 23.48 7.88 -10.00
C LEU A 51 24.81 8.60 -10.19
N TRP A 52 24.80 9.94 -10.06
CA TRP A 52 26.01 10.76 -10.20
C TRP A 52 26.03 11.97 -9.31
N ASP A 53 27.05 12.03 -8.44
CA ASP A 53 27.13 13.01 -7.36
C ASP A 53 25.87 13.02 -6.46
N GLY A 54 25.34 11.82 -6.18
CA GLY A 54 24.18 11.66 -5.32
C GLY A 54 22.83 11.90 -5.99
N LEU A 55 22.83 12.15 -7.30
CA LEU A 55 21.61 12.48 -8.04
C LEU A 55 21.43 11.55 -9.24
N PRO A 56 20.19 11.13 -9.51
CA PRO A 56 19.99 10.41 -10.76
C PRO A 56 20.16 11.34 -11.97
N ARG A 57 20.89 10.84 -12.97
CA ARG A 57 21.06 11.51 -14.24
C ARG A 57 20.43 10.60 -15.27
N HIS A 58 19.70 11.19 -16.21
CA HIS A 58 18.86 10.41 -17.12
C HIS A 58 19.28 10.67 -18.52
N PHE A 59 19.60 9.60 -19.25
CA PHE A 59 20.12 9.66 -20.59
C PHE A 59 19.19 8.95 -21.55
N ILE A 60 18.72 9.67 -22.57
CA ILE A 60 17.91 9.04 -23.61
C ILE A 60 18.81 8.14 -24.46
N ILE A 61 18.46 6.86 -24.54
CA ILE A 61 19.08 5.97 -25.48
C ILE A 61 18.38 6.22 -26.84
N GLN A 62 19.11 6.75 -27.83
CA GLN A 62 18.54 7.00 -29.17
C GLN A 62 18.50 5.70 -29.99
N SER A 63 17.56 5.58 -30.93
CA SER A 63 17.55 4.47 -31.91
C SER A 63 17.35 4.98 -33.32
N LEU A 64 18.30 4.68 -34.21
CA LEU A 64 18.20 5.04 -35.63
C LEU A 64 18.69 3.87 -36.47
N ASP A 65 17.97 3.59 -37.56
CA ASP A 65 18.25 2.44 -38.42
C ASP A 65 18.61 1.20 -37.58
N ASN A 66 17.74 0.87 -36.63
CA ASN A 66 17.88 -0.31 -35.77
C ASN A 66 19.13 -0.36 -34.89
N LEU A 67 19.71 0.80 -34.56
CA LEU A 67 20.90 0.83 -33.69
C LEU A 67 20.71 1.70 -32.46
N TYR A 68 21.14 1.21 -31.30
CA TYR A 68 21.02 1.96 -30.06
C TYR A 68 22.34 2.59 -29.68
N ARG A 69 22.29 3.87 -29.29
CA ARG A 69 23.49 4.62 -28.88
C ARG A 69 23.15 5.77 -27.92
N LEU A 70 24.14 6.19 -27.13
CA LEU A 70 24.12 7.46 -26.39
C LEU A 70 24.68 8.56 -27.28
N GLU A 71 26.01 8.64 -27.37
CA GLU A 71 26.67 9.62 -28.24
C GLU A 71 27.69 9.04 -29.21
N GLY A 72 27.96 7.75 -29.13
CA GLY A 72 28.99 7.15 -29.95
C GLY A 72 28.50 5.92 -30.68
N GLU A 73 29.41 4.96 -30.81
CA GLU A 73 29.16 3.67 -31.45
C GLU A 73 27.78 3.08 -31.09
N GLY A 74 26.97 2.80 -32.12
CA GLY A 74 25.65 2.19 -31.96
C GLY A 74 25.67 0.68 -31.92
N PHE A 75 24.68 0.10 -31.28
CA PHE A 75 24.66 -1.34 -31.01
C PHE A 75 23.29 -1.91 -31.34
N PRO A 76 23.26 -3.17 -31.80
CA PRO A 76 22.02 -3.83 -32.21
C PRO A 76 21.01 -4.05 -31.10
N SER A 77 21.45 -3.97 -29.84
CA SER A 77 20.53 -4.08 -28.70
C SER A 77 20.98 -3.20 -27.55
N ILE A 78 20.06 -2.91 -26.62
CA ILE A 78 20.37 -2.10 -25.42
C ILE A 78 21.32 -2.87 -24.50
N PRO A 79 21.11 -4.20 -24.28
CA PRO A 79 22.14 -4.94 -23.49
C PRO A 79 23.56 -4.89 -24.08
N LEU A 80 23.69 -4.87 -25.40
CA LEU A 80 25.02 -4.79 -26.00
C LEU A 80 25.59 -3.40 -25.75
N LEU A 81 24.74 -2.37 -25.88
CA LEU A 81 25.16 -1.00 -25.60
C LEU A 81 25.57 -0.88 -24.15
N ILE A 82 24.75 -1.41 -23.25
CA ILE A 82 25.07 -1.37 -21.83
C ILE A 82 26.39 -2.07 -21.51
N ASP A 83 26.62 -3.24 -22.08
CA ASP A 83 27.81 -4.03 -21.78
C ASP A 83 29.08 -3.36 -22.33
N HIS A 84 28.95 -2.58 -23.40
CA HIS A 84 30.06 -1.83 -23.99
C HIS A 84 30.43 -0.61 -23.18
N LEU A 85 29.42 0.14 -22.75
CA LEU A 85 29.62 1.28 -21.86
C LEU A 85 30.25 0.83 -20.55
N LEU A 86 29.74 -0.28 -20.00
CA LEU A 86 30.29 -0.83 -18.77
C LEU A 86 31.76 -1.24 -18.95
N SER A 87 32.08 -1.96 -20.04
CA SER A 87 33.43 -2.50 -20.30
C SER A 87 34.49 -1.42 -20.61
N THR A 88 34.14 -0.48 -21.48
CA THR A 88 35.06 0.55 -21.91
C THR A 88 35.21 1.70 -20.89
N GLN A 89 34.34 1.73 -19.88
CA GLN A 89 34.33 2.80 -18.87
C GLN A 89 34.33 4.17 -19.53
N GLN A 90 33.54 4.24 -20.59
CA GLN A 90 33.37 5.40 -21.41
C GLN A 90 32.44 6.37 -20.67
N PRO A 91 32.74 7.68 -20.69
CA PRO A 91 31.70 8.57 -20.20
C PRO A 91 30.52 8.49 -21.17
N LEU A 92 29.31 8.45 -20.63
CA LEU A 92 28.09 8.26 -21.41
C LEU A 92 27.91 9.36 -22.48
N THR A 93 28.08 10.62 -22.06
CA THR A 93 28.18 11.76 -22.97
C THR A 93 29.27 12.69 -22.43
N LYS A 94 29.90 13.45 -23.33
CA LYS A 94 31.03 14.32 -22.99
C LYS A 94 30.60 15.36 -21.95
N LYS A 95 29.52 16.10 -22.27
CA LYS A 95 29.02 17.20 -21.42
C LYS A 95 28.70 16.79 -19.97
N SER A 96 28.41 15.49 -19.76
CA SER A 96 28.03 14.98 -18.41
C SER A 96 29.19 14.30 -17.66
N GLY A 97 30.06 13.60 -18.39
CA GLY A 97 31.21 12.94 -17.80
C GLY A 97 30.88 11.70 -16.98
N VAL A 98 29.67 11.16 -17.14
CA VAL A 98 29.17 10.08 -16.27
C VAL A 98 29.60 8.68 -16.73
N VAL A 99 30.08 7.85 -15.79
CA VAL A 99 30.55 6.47 -16.08
C VAL A 99 29.83 5.37 -15.28
N LEU A 100 29.27 4.38 -15.99
CA LEU A 100 28.58 3.26 -15.34
C LEU A 100 29.55 2.39 -14.52
N HIS A 101 29.02 1.74 -13.49
CA HIS A 101 29.83 0.98 -12.54
C HIS A 101 29.20 -0.30 -12.06
N ARG A 102 27.90 -0.27 -11.77
CA ARG A 102 27.15 -1.50 -11.47
C ARG A 102 25.65 -1.37 -11.84
N ALA A 103 25.12 -2.41 -12.47
CA ALA A 103 23.68 -2.56 -12.73
C ALA A 103 22.88 -2.96 -11.47
N VAL A 104 21.80 -2.23 -11.14
CA VAL A 104 20.96 -2.56 -9.98
C VAL A 104 19.78 -3.47 -10.39
N PRO A 105 19.74 -4.69 -9.85
CA PRO A 105 18.69 -5.60 -10.28
C PRO A 105 17.33 -5.30 -9.63
N LYS A 106 16.25 -5.77 -10.25
CA LYS A 106 14.94 -5.77 -9.67
C LYS A 106 15.00 -6.56 -8.37
N ASP A 107 14.19 -6.15 -7.39
CA ASP A 107 14.12 -6.88 -6.11
C ASP A 107 13.24 -8.11 -6.24
N LYS A 108 13.18 -8.92 -5.18
CA LYS A 108 12.52 -10.23 -5.22
C LYS A 108 10.99 -10.18 -5.41
N TRP A 109 10.41 -8.99 -5.25
CA TRP A 109 8.96 -8.81 -5.34
C TRP A 109 8.40 -8.50 -6.71
N VAL A 110 9.24 -8.06 -7.63
CA VAL A 110 8.80 -7.63 -8.96
C VAL A 110 8.27 -8.82 -9.73
N LEU A 111 7.08 -8.64 -10.32
CA LEU A 111 6.47 -9.62 -11.22
C LEU A 111 6.18 -9.01 -12.55
N ASN A 112 6.23 -9.82 -13.59
CA ASN A 112 5.76 -9.36 -14.89
C ASN A 112 4.23 -9.36 -14.91
N HIS A 113 3.68 -8.42 -15.65
CA HIS A 113 2.24 -8.43 -15.96
C HIS A 113 1.69 -9.76 -16.42
N GLU A 114 2.44 -10.50 -17.23
CA GLU A 114 1.99 -11.79 -17.74
C GLU A 114 2.01 -12.89 -16.68
N ASP A 115 2.62 -12.62 -15.52
CA ASP A 115 2.54 -13.55 -14.41
C ASP A 115 1.19 -13.50 -13.72
N LEU A 116 0.30 -12.59 -14.14
CA LEU A 116 -1.01 -12.41 -13.49
C LEU A 116 -2.08 -12.68 -14.52
N VAL A 117 -3.18 -13.30 -14.08
CA VAL A 117 -4.40 -13.41 -14.85
C VAL A 117 -5.46 -12.55 -14.22
N LEU A 118 -5.83 -11.42 -14.82
CA LEU A 118 -6.90 -10.58 -14.25
C LEU A 118 -8.28 -11.21 -14.39
N GLY A 119 -9.01 -11.19 -13.29
CA GLY A 119 -10.41 -11.51 -13.26
C GLY A 119 -11.26 -10.26 -13.15
N GLU A 120 -12.32 -10.35 -12.38
CA GLU A 120 -13.34 -9.32 -12.36
C GLU A 120 -12.85 -8.11 -11.58
N GLN A 121 -13.23 -6.95 -12.06
CA GLN A 121 -13.08 -5.76 -11.24
C GLN A 121 -13.90 -5.80 -9.91
N ILE A 122 -13.29 -5.40 -8.80
CA ILE A 122 -13.94 -5.51 -7.45
C ILE A 122 -14.03 -4.18 -6.77
N GLY A 123 -13.95 -3.12 -7.57
CA GLY A 123 -14.07 -1.77 -7.05
C GLY A 123 -12.88 -0.93 -7.39
N ARG A 124 -12.72 0.15 -6.61
CA ARG A 124 -11.73 1.14 -6.83
C ARG A 124 -11.10 1.47 -5.48
N GLY A 125 -9.80 1.74 -5.47
CA GLY A 125 -9.16 2.22 -4.27
C GLY A 125 -8.80 3.67 -4.51
N ASN A 126 -7.95 4.21 -3.67
CA ASN A 126 -7.61 5.62 -3.84
C ASN A 126 -6.88 5.97 -5.13
N PHE A 127 -6.17 5.01 -5.75
CA PHE A 127 -5.36 5.30 -6.95
C PHE A 127 -5.79 4.59 -8.23
N GLY A 128 -6.79 3.71 -8.18
CA GLY A 128 -7.27 3.04 -9.39
C GLY A 128 -8.15 1.84 -9.18
N GLU A 129 -8.56 1.20 -10.25
CA GLU A 129 -9.38 0.01 -10.13
C GLU A 129 -8.62 -1.09 -9.44
N VAL A 130 -9.36 -1.95 -8.75
CA VAL A 130 -8.86 -3.19 -8.16
C VAL A 130 -9.56 -4.35 -8.81
N PHE A 131 -8.80 -5.41 -9.13
CA PHE A 131 -9.31 -6.60 -9.76
C PHE A 131 -9.02 -7.80 -8.93
N SER A 132 -9.95 -8.76 -8.96
CA SER A 132 -9.64 -10.08 -8.49
C SER A 132 -8.81 -10.69 -9.63
N GLY A 133 -7.95 -11.62 -9.29
CA GLY A 133 -7.17 -12.33 -10.29
C GLY A 133 -6.47 -13.56 -9.73
N ARG A 134 -5.50 -14.09 -10.49
CA ARG A 134 -4.75 -15.30 -10.08
C ARG A 134 -3.34 -15.15 -10.51
N LEU A 135 -2.42 -15.67 -9.70
CA LEU A 135 -1.09 -15.92 -10.20
C LEU A 135 -1.18 -17.03 -11.25
N ARG A 136 -0.63 -16.74 -12.42
CA ARG A 136 -0.67 -17.67 -13.52
C ARG A 136 0.10 -18.95 -13.17
N ALA A 137 1.13 -18.84 -12.35
CA ALA A 137 2.04 -19.99 -12.10
C ALA A 137 1.32 -21.09 -11.34
N ASP A 138 0.53 -20.70 -10.34
CA ASP A 138 -0.08 -21.65 -9.40
C ASP A 138 -1.53 -21.37 -8.97
N ASN A 139 -2.24 -20.52 -9.70
CA ASN A 139 -3.63 -20.18 -9.42
C ASN A 139 -3.94 -19.62 -8.03
N THR A 140 -2.94 -19.05 -7.35
CA THR A 140 -3.20 -18.44 -6.07
C THR A 140 -4.02 -17.17 -6.29
N LEU A 141 -5.00 -16.95 -5.42
CA LEU A 141 -5.96 -15.88 -5.65
C LEU A 141 -5.35 -14.59 -5.18
N VAL A 142 -5.42 -13.55 -6.02
CA VAL A 142 -4.84 -12.28 -5.65
C VAL A 142 -5.78 -11.11 -5.87
N ALA A 143 -5.50 -10.00 -5.17
CA ALA A 143 -6.07 -8.69 -5.47
C ALA A 143 -5.03 -7.88 -6.23
N VAL A 144 -5.45 -7.30 -7.37
CA VAL A 144 -4.56 -6.52 -8.21
C VAL A 144 -5.01 -5.09 -8.15
N LYS A 145 -4.25 -4.27 -7.44
CA LYS A 145 -4.56 -2.86 -7.30
C LYS A 145 -3.82 -2.10 -8.36
N SER A 146 -4.53 -1.40 -9.22
CA SER A 146 -3.87 -0.68 -10.27
C SER A 146 -3.69 0.79 -9.93
N CYS A 147 -2.65 1.37 -10.50
CA CYS A 147 -2.47 2.81 -10.45
C CYS A 147 -2.92 3.42 -11.77
N ARG A 148 -3.96 4.26 -11.73
CA ARG A 148 -4.47 4.95 -12.93
C ARG A 148 -3.27 5.59 -13.65
N GLU A 149 -3.08 5.19 -14.92
CA GLU A 149 -1.86 5.54 -15.67
C GLU A 149 -1.68 7.05 -15.87
N THR A 150 -2.75 7.82 -15.71
CA THR A 150 -2.71 9.28 -15.82
C THR A 150 -2.75 10.02 -14.48
N LEU A 151 -2.39 9.37 -13.37
CA LEU A 151 -2.17 10.09 -12.09
C LEU A 151 -0.85 10.88 -12.22
N PRO A 152 -0.63 11.91 -11.36
CA PRO A 152 0.67 12.59 -11.43
C PRO A 152 1.80 11.61 -11.11
N PRO A 153 2.92 11.63 -11.86
CA PRO A 153 4.04 10.78 -11.45
C PRO A 153 4.48 10.96 -9.98
N ASP A 154 4.13 12.10 -9.37
CA ASP A 154 4.30 12.32 -7.92
C ASP A 154 3.41 11.42 -7.06
N LEU A 155 2.30 10.94 -7.60
CA LEU A 155 1.34 10.11 -6.86
C LEU A 155 1.50 8.61 -7.14
N LYS A 156 2.21 8.25 -8.21
CA LYS A 156 2.68 6.89 -8.38
C LYS A 156 3.63 6.52 -7.23
N ALA A 157 4.17 7.55 -6.54
CA ALA A 157 4.99 7.39 -5.34
C ALA A 157 4.19 7.00 -4.11
N LYS A 158 3.15 7.78 -3.80
CA LYS A 158 2.31 7.41 -2.66
C LYS A 158 1.67 6.02 -2.90
N PHE A 159 1.56 5.63 -4.16
CA PHE A 159 0.98 4.33 -4.50
C PHE A 159 1.98 3.24 -4.21
N LEU A 160 3.19 3.38 -4.74
CA LEU A 160 4.24 2.37 -4.52
C LEU A 160 4.76 2.35 -3.07
N GLN A 161 4.39 3.34 -2.27
CA GLN A 161 4.79 3.39 -0.86
C GLN A 161 4.14 2.30 0.02
N GLU A 162 2.89 1.95 -0.27
CA GLU A 162 2.21 0.82 0.38
C GLU A 162 2.95 -0.53 0.17
N ALA A 163 3.48 -0.73 -1.03
CA ALA A 163 4.28 -1.91 -1.33
C ALA A 163 5.60 -1.84 -0.55
N ARG A 164 6.29 -0.70 -0.52
CA ARG A 164 7.52 -0.58 0.27
C ARG A 164 7.38 -0.98 1.76
N ILE A 165 6.32 -0.47 2.39
CA ILE A 165 5.98 -0.74 3.78
C ILE A 165 5.71 -2.22 3.94
N LEU A 166 4.77 -2.74 3.15
CA LEU A 166 4.25 -4.09 3.32
C LEU A 166 5.31 -5.16 3.16
N LYS A 167 6.33 -4.87 2.37
CA LYS A 167 7.43 -5.79 2.20
C LYS A 167 8.04 -6.21 3.55
N GLN A 168 7.92 -5.36 4.57
CA GLN A 168 8.61 -5.57 5.84
C GLN A 168 7.71 -6.12 6.94
N TYR A 169 6.43 -6.26 6.64
CA TYR A 169 5.39 -6.62 7.62
C TYR A 169 4.91 -8.03 7.42
N SER A 170 4.56 -8.67 8.53
CA SER A 170 4.04 -9.99 8.48
C SER A 170 3.24 -10.25 9.74
N HIS A 171 1.92 -10.41 9.57
CA HIS A 171 1.04 -10.66 10.71
C HIS A 171 -0.25 -11.24 10.18
N PRO A 172 -0.88 -12.11 10.97
CA PRO A 172 -2.13 -12.76 10.54
C PRO A 172 -3.31 -11.84 10.33
N ASN A 173 -3.29 -10.66 10.96
CA ASN A 173 -4.34 -9.66 10.79
C ASN A 173 -3.95 -8.44 9.99
N ILE A 174 -2.94 -8.61 9.14
CA ILE A 174 -2.52 -7.57 8.22
C ILE A 174 -2.51 -8.22 6.81
N VAL A 175 -3.04 -7.56 5.79
CA VAL A 175 -3.09 -8.09 4.43
C VAL A 175 -1.67 -8.26 3.91
N ARG A 176 -1.43 -9.40 3.29
CA ARG A 176 -0.11 -9.81 2.79
C ARG A 176 0.18 -9.31 1.37
N LEU A 177 1.39 -8.80 1.15
CA LEU A 177 1.86 -8.42 -0.19
C LEU A 177 2.31 -9.68 -0.87
N ILE A 178 1.97 -9.79 -2.15
CA ILE A 178 2.46 -10.90 -2.98
C ILE A 178 3.52 -10.45 -3.98
N GLY A 179 3.32 -9.31 -4.64
CA GLY A 179 4.28 -8.85 -5.64
C GLY A 179 3.90 -7.46 -6.14
N VAL A 180 4.75 -6.89 -6.98
CA VAL A 180 4.67 -5.54 -7.49
C VAL A 180 4.92 -5.62 -9.01
N CYS A 181 3.96 -5.10 -9.80
CA CYS A 181 4.02 -5.18 -11.26
C CYS A 181 4.34 -3.79 -11.81
N THR A 182 5.64 -3.49 -11.79
CA THR A 182 6.21 -2.24 -12.27
C THR A 182 6.96 -2.31 -13.57
N GLN A 183 6.88 -3.44 -14.27
CA GLN A 183 7.55 -3.59 -15.57
C GLN A 183 6.85 -2.90 -16.76
N LYS A 184 5.52 -2.81 -16.72
CA LYS A 184 4.61 -2.24 -17.76
C LYS A 184 3.59 -1.31 -17.10
N GLN A 185 3.00 -0.42 -17.89
CA GLN A 185 1.84 0.39 -17.48
C GLN A 185 0.59 -0.41 -17.77
N PRO A 186 -0.44 -0.32 -16.92
CA PRO A 186 -0.45 0.35 -15.61
C PRO A 186 0.21 -0.50 -14.58
N ILE A 187 0.86 0.14 -13.62
CA ILE A 187 1.57 -0.59 -12.60
C ILE A 187 0.54 -1.14 -11.60
N TYR A 188 0.84 -2.31 -11.05
CA TYR A 188 -0.04 -3.02 -10.13
C TYR A 188 0.75 -3.31 -8.86
N ILE A 189 0.02 -3.34 -7.76
CA ILE A 189 0.48 -3.91 -6.50
C ILE A 189 -0.39 -5.15 -6.30
N VAL A 190 0.26 -6.26 -6.04
CA VAL A 190 -0.43 -7.56 -5.97
C VAL A 190 -0.43 -8.06 -4.52
N MET A 191 -1.64 -8.25 -4.01
CA MET A 191 -1.92 -8.66 -2.60
C MET A 191 -2.65 -9.97 -2.57
N GLU A 192 -2.64 -10.65 -1.42
CA GLU A 192 -3.49 -11.82 -1.24
C GLU A 192 -4.92 -11.33 -1.49
N LEU A 193 -5.75 -12.15 -2.10
CA LEU A 193 -7.15 -11.79 -2.22
C LEU A 193 -7.81 -12.19 -0.90
N VAL A 194 -8.41 -11.26 -0.20
CA VAL A 194 -9.10 -11.63 1.05
C VAL A 194 -10.57 -11.83 0.65
N GLN A 195 -11.01 -13.07 0.72
CA GLN A 195 -12.13 -13.53 -0.11
C GLN A 195 -13.50 -13.00 0.25
N GLY A 196 -13.73 -12.61 1.50
CA GLY A 196 -15.04 -12.12 1.88
C GLY A 196 -15.25 -10.65 1.66
N GLY A 197 -14.27 -9.97 1.05
CA GLY A 197 -14.39 -8.55 0.79
C GLY A 197 -14.08 -7.63 1.92
N ASP A 198 -14.42 -6.35 1.73
CA ASP A 198 -14.18 -5.38 2.76
C ASP A 198 -15.25 -5.49 3.86
N PHE A 199 -14.87 -5.03 5.06
CA PHE A 199 -15.66 -5.20 6.30
C PHE A 199 -16.91 -4.33 6.28
N LEU A 200 -16.87 -3.16 5.67
CA LEU A 200 -18.02 -2.30 5.52
C LEU A 200 -19.14 -3.00 4.70
N THR A 201 -18.83 -3.49 3.51
CA THR A 201 -19.83 -4.14 2.68
C THR A 201 -20.27 -5.42 3.41
N PHE A 202 -19.34 -6.10 4.09
CA PHE A 202 -19.71 -7.30 4.87
C PHE A 202 -20.76 -7.00 5.94
N LEU A 203 -20.57 -5.91 6.63
CA LEU A 203 -21.48 -5.60 7.72
C LEU A 203 -22.83 -5.25 7.10
N ARG A 204 -22.80 -4.58 5.95
CA ARG A 204 -24.02 -4.09 5.29
C ARG A 204 -24.80 -5.22 4.60
N THR A 205 -24.08 -6.28 4.21
CA THR A 205 -24.70 -7.40 3.46
C THR A 205 -24.93 -8.60 4.37
N GLU A 206 -24.03 -8.82 5.33
CA GLU A 206 -24.07 -10.03 6.13
C GLU A 206 -24.43 -9.77 7.58
N GLY A 207 -24.56 -8.49 7.92
CA GLY A 207 -24.79 -8.02 9.26
C GLY A 207 -25.90 -8.67 10.04
N ALA A 208 -26.98 -9.05 9.37
CA ALA A 208 -28.11 -9.63 10.05
C ALA A 208 -27.64 -10.96 10.69
N ARG A 209 -26.59 -11.60 10.14
CA ARG A 209 -26.18 -12.93 10.65
C ARG A 209 -25.10 -12.90 11.72
N LEU A 210 -24.58 -11.73 11.98
CA LEU A 210 -23.40 -11.54 12.85
C LEU A 210 -23.86 -11.20 14.28
N ARG A 211 -23.93 -12.25 15.09
CA ARG A 211 -24.09 -12.17 16.53
C ARG A 211 -22.99 -11.40 17.21
N VAL A 212 -23.28 -10.87 18.39
CA VAL A 212 -22.33 -10.01 19.10
C VAL A 212 -21.01 -10.78 19.33
N LYS A 213 -21.10 -12.06 19.66
CA LYS A 213 -19.89 -12.85 19.89
C LYS A 213 -18.95 -12.86 18.67
N THR A 214 -19.55 -13.01 17.48
CA THR A 214 -18.82 -12.97 16.22
C THR A 214 -18.19 -11.62 15.92
N LEU A 215 -18.99 -10.54 15.99
CA LEU A 215 -18.53 -9.21 15.79
C LEU A 215 -17.35 -8.94 16.70
N LEU A 216 -17.40 -9.37 17.97
CA LEU A 216 -16.26 -9.19 18.91
C LEU A 216 -14.96 -9.92 18.50
N GLN A 217 -15.10 -11.12 17.95
CA GLN A 217 -13.97 -11.85 17.40
C GLN A 217 -13.34 -11.02 16.26
N MET A 218 -14.15 -10.39 15.43
CA MET A 218 -13.68 -9.70 14.20
C MET A 218 -12.95 -8.39 14.62
N VAL A 219 -13.51 -7.67 15.58
CA VAL A 219 -12.81 -6.43 16.07
C VAL A 219 -11.62 -6.76 16.95
N GLY A 220 -11.65 -7.91 17.62
CA GLY A 220 -10.46 -8.47 18.28
C GLY A 220 -9.32 -8.64 17.28
N ASP A 221 -9.63 -9.19 16.10
CA ASP A 221 -8.64 -9.36 15.05
C ASP A 221 -8.05 -8.00 14.64
N ALA A 222 -8.93 -7.01 14.43
CA ALA A 222 -8.48 -5.64 14.08
C ALA A 222 -7.62 -5.06 15.23
N ALA A 223 -7.97 -5.32 16.51
CA ALA A 223 -7.09 -4.88 17.61
C ALA A 223 -5.69 -5.56 17.55
N ALA A 224 -5.67 -6.87 17.31
CA ALA A 224 -4.40 -7.60 17.19
C ALA A 224 -3.53 -7.01 16.03
N GLY A 225 -4.17 -6.68 14.90
CA GLY A 225 -3.45 -6.09 13.77
C GLY A 225 -2.87 -4.72 14.11
N MET A 226 -3.65 -3.91 14.78
CA MET A 226 -3.23 -2.57 15.17
C MET A 226 -2.17 -2.65 16.27
N GLU A 227 -2.27 -3.62 17.17
CA GLU A 227 -1.19 -3.81 18.17
C GLU A 227 0.12 -4.09 17.52
N TYR A 228 0.10 -4.93 16.48
CA TYR A 228 1.24 -5.18 15.66
C TYR A 228 1.79 -3.89 15.00
N LEU A 229 0.95 -3.09 14.37
CA LEU A 229 1.47 -1.85 13.81
C LEU A 229 2.08 -0.89 14.89
N GLU A 230 1.39 -0.74 16.01
CA GLU A 230 1.91 0.05 17.11
C GLU A 230 3.30 -0.45 17.48
N SER A 231 3.50 -1.77 17.56
CA SER A 231 4.79 -2.33 17.92
C SER A 231 5.92 -2.03 16.89
N LYS A 232 5.56 -1.76 15.63
CA LYS A 232 6.43 -1.26 14.55
C LYS A 232 6.52 0.27 14.42
N CYS A 233 5.96 1.01 15.38
CA CYS A 233 5.82 2.49 15.31
C CYS A 233 5.17 2.92 13.99
N CYS A 234 4.23 2.11 13.49
CA CYS A 234 3.53 2.42 12.27
C CYS A 234 2.17 3.01 12.64
N ILE A 235 1.92 4.22 12.14
CA ILE A 235 0.63 4.92 12.33
C ILE A 235 -0.18 4.73 11.04
N HIS A 236 -1.37 4.19 11.17
CA HIS A 236 -2.16 3.78 10.01
C HIS A 236 -2.76 5.00 9.32
N ARG A 237 -3.33 5.87 10.14
CA ARG A 237 -3.98 7.12 9.72
C ARG A 237 -5.34 6.98 9.00
N ASP A 238 -5.71 5.79 8.51
CA ASP A 238 -6.97 5.66 7.79
C ASP A 238 -7.74 4.42 8.19
N LEU A 239 -7.81 4.16 9.51
CA LEU A 239 -8.45 2.94 9.94
C LEU A 239 -9.94 3.14 9.88
N ALA A 240 -10.64 2.26 9.20
CA ALA A 240 -12.11 2.35 9.05
C ALA A 240 -12.54 1.00 8.53
N ALA A 241 -13.81 0.69 8.66
CA ALA A 241 -14.30 -0.62 8.18
C ALA A 241 -14.07 -0.84 6.72
N ARG A 242 -14.12 0.22 5.93
CA ARG A 242 -13.92 0.09 4.51
C ARG A 242 -12.50 -0.37 4.15
N ASN A 243 -11.57 -0.17 5.04
CA ASN A 243 -10.18 -0.62 4.85
C ASN A 243 -9.79 -1.87 5.59
N CYS A 244 -10.78 -2.56 6.20
CA CYS A 244 -10.53 -3.87 6.79
C CYS A 244 -11.14 -4.88 5.82
N LEU A 245 -10.56 -6.08 5.74
CA LEU A 245 -10.99 -7.10 4.82
C LEU A 245 -11.33 -8.37 5.66
N VAL A 246 -12.22 -9.19 5.14
CA VAL A 246 -12.76 -10.37 5.82
C VAL A 246 -12.44 -11.61 5.00
N THR A 247 -11.74 -12.56 5.62
CA THR A 247 -11.36 -13.77 4.93
C THR A 247 -12.59 -14.67 4.85
N GLU A 248 -12.48 -15.74 4.08
CA GLU A 248 -13.58 -16.74 3.98
C GLU A 248 -13.89 -17.45 5.29
N LYS A 249 -12.98 -17.34 6.27
CA LYS A 249 -13.21 -17.91 7.59
C LYS A 249 -13.54 -16.86 8.65
N ASN A 250 -13.96 -15.67 8.21
CA ASN A 250 -14.35 -14.52 9.03
C ASN A 250 -13.25 -13.84 9.83
N VAL A 251 -12.03 -14.08 9.43
CA VAL A 251 -10.91 -13.41 10.07
C VAL A 251 -10.80 -12.03 9.43
N LEU A 252 -10.65 -11.00 10.26
CA LEU A 252 -10.41 -9.63 9.80
C LEU A 252 -8.94 -9.30 9.65
N LYS A 253 -8.60 -8.60 8.54
CA LYS A 253 -7.22 -8.14 8.28
C LYS A 253 -7.28 -6.64 7.97
N ILE A 254 -6.35 -5.88 8.53
CA ILE A 254 -6.20 -4.46 8.28
C ILE A 254 -5.42 -4.27 6.96
N SER A 255 -5.80 -3.25 6.20
CA SER A 255 -5.13 -2.96 4.95
C SER A 255 -5.11 -1.46 4.68
N ASP A 256 -4.63 -1.13 3.49
CA ASP A 256 -4.62 0.25 2.93
C ASP A 256 -3.66 1.10 3.72
N PHE A 257 -2.41 0.73 3.46
CA PHE A 257 -1.23 1.32 4.04
C PHE A 257 -0.64 2.47 3.21
N GLY A 258 -1.41 2.99 2.25
CA GLY A 258 -0.97 4.13 1.44
C GLY A 258 -0.71 5.39 2.25
N MET A 259 -1.51 5.61 3.29
CA MET A 259 -1.41 6.79 4.19
C MET A 259 -0.49 6.51 5.40
N SER A 260 0.01 5.30 5.52
CA SER A 260 0.66 4.83 6.75
C SER A 260 2.08 5.39 6.86
N ARG A 261 2.61 5.54 8.08
CA ARG A 261 3.98 6.06 8.27
C ARG A 261 4.63 5.55 9.57
N GLU A 262 5.88 5.07 9.47
CA GLU A 262 6.67 4.58 10.63
C GLU A 262 7.19 5.75 11.47
N VAL A 277 -8.59 13.73 6.26
CA VAL A 277 -9.37 13.60 5.03
C VAL A 277 -10.59 12.65 5.24
N PRO A 278 -10.42 11.46 5.89
CA PRO A 278 -11.62 10.77 6.40
C PRO A 278 -12.00 11.40 7.76
N VAL A 279 -12.55 12.62 7.66
CA VAL A 279 -12.79 13.48 8.85
C VAL A 279 -13.48 12.72 9.98
N LYS A 280 -14.56 12.00 9.65
CA LYS A 280 -15.39 11.30 10.63
C LYS A 280 -14.74 10.14 11.41
N TRP A 281 -13.55 9.72 10.99
CA TRP A 281 -12.78 8.66 11.69
C TRP A 281 -11.55 9.26 12.35
N THR A 282 -11.31 10.57 12.20
CA THR A 282 -10.01 11.13 12.57
C THR A 282 -10.11 11.88 13.91
N ALA A 283 -9.09 11.68 14.75
CA ALA A 283 -9.01 12.34 16.06
C ALA A 283 -8.94 13.84 15.99
N PRO A 284 -9.48 14.52 17.01
CA PRO A 284 -9.40 15.97 16.95
C PRO A 284 -8.01 16.53 16.83
N GLU A 285 -7.04 16.02 17.59
CA GLU A 285 -5.70 16.58 17.55
C GLU A 285 -5.03 16.34 16.19
N ALA A 286 -5.42 15.27 15.49
CA ALA A 286 -4.92 15.02 14.13
C ALA A 286 -5.51 16.00 13.13
N LEU A 287 -6.80 16.28 13.26
CA LEU A 287 -7.42 17.31 12.42
C LEU A 287 -6.92 18.73 12.75
N ASN A 288 -6.80 19.07 14.04
CA ASN A 288 -6.50 20.44 14.48
C ASN A 288 -5.06 20.84 14.30
N TYR A 289 -4.14 19.91 14.55
CA TYR A 289 -2.72 20.22 14.65
C TYR A 289 -1.86 19.32 13.79
N GLY A 290 -2.48 18.40 13.06
CA GLY A 290 -1.77 17.45 12.24
C GLY A 290 -1.02 16.40 13.03
N ARG A 291 -1.36 16.22 14.30
CA ARG A 291 -0.64 15.23 15.13
C ARG A 291 -1.26 13.87 15.03
N TYR A 292 -0.68 13.02 14.20
CA TYR A 292 -1.16 11.66 14.04
C TYR A 292 -0.26 10.80 14.91
N SER A 293 -0.84 9.80 15.54
CA SER A 293 -0.09 8.87 16.43
C SER A 293 -0.87 7.57 16.54
N SER A 294 -0.31 6.58 17.19
CA SER A 294 -1.12 5.41 17.54
C SER A 294 -2.32 5.81 18.40
N GLU A 295 -2.21 6.87 19.17
CA GLU A 295 -3.38 7.38 19.91
C GLU A 295 -4.49 7.90 19.05
N SER A 296 -4.15 8.55 17.91
CA SER A 296 -5.23 8.97 17.00
C SER A 296 -5.78 7.74 16.27
N ASP A 297 -4.96 6.70 16.10
CA ASP A 297 -5.49 5.43 15.53
C ASP A 297 -6.51 4.78 16.50
N VAL A 298 -6.26 4.89 17.80
CA VAL A 298 -7.23 4.35 18.77
C VAL A 298 -8.58 5.09 18.65
N TRP A 299 -8.54 6.41 18.40
CA TRP A 299 -9.76 7.15 18.13
C TRP A 299 -10.50 6.49 17.00
N SER A 300 -9.79 6.24 15.89
CA SER A 300 -10.40 5.68 14.66
C SER A 300 -10.96 4.28 15.03
N PHE A 301 -10.26 3.57 15.91
CA PHE A 301 -10.69 2.27 16.36
C PHE A 301 -12.06 2.36 17.03
N GLY A 302 -12.31 3.41 17.82
CA GLY A 302 -13.59 3.59 18.44
C GLY A 302 -14.67 3.77 17.40
N ILE A 303 -14.35 4.49 16.35
CA ILE A 303 -15.31 4.71 15.27
C ILE A 303 -15.58 3.39 14.55
N LEU A 304 -14.52 2.60 14.32
CA LEU A 304 -14.68 1.25 13.74
C LEU A 304 -15.59 0.38 14.60
N LEU A 305 -15.45 0.47 15.91
CA LEU A 305 -16.29 -0.30 16.80
C LEU A 305 -17.76 0.16 16.63
N TRP A 306 -17.99 1.46 16.48
CA TRP A 306 -19.31 1.95 16.21
C TRP A 306 -19.80 1.37 14.92
N GLU A 307 -18.98 1.40 13.86
CA GLU A 307 -19.45 0.84 12.57
C GLU A 307 -19.83 -0.65 12.73
N THR A 308 -18.99 -1.36 13.44
CA THR A 308 -19.17 -2.78 13.67
C THR A 308 -20.54 -3.11 14.28
N PHE A 309 -20.98 -2.34 15.25
CA PHE A 309 -22.26 -2.62 15.92
C PHE A 309 -23.51 -1.91 15.35
N SER A 310 -23.35 -1.27 14.18
CA SER A 310 -24.36 -0.44 13.54
C SER A 310 -24.60 -1.04 12.14
N LEU A 311 -24.08 -2.24 11.97
CA LEU A 311 -24.18 -2.99 10.76
C LEU A 311 -23.77 -2.12 9.54
N GLY A 312 -22.68 -1.35 9.71
CA GLY A 312 -22.10 -0.63 8.60
C GLY A 312 -22.84 0.65 8.22
N ALA A 313 -23.78 1.12 9.06
CA ALA A 313 -24.32 2.47 8.89
C ALA A 313 -23.11 3.39 8.89
N SER A 314 -23.31 4.54 8.29
CA SER A 314 -22.30 5.58 8.27
C SER A 314 -22.31 6.39 9.56
N PRO A 315 -21.14 6.77 10.11
CA PRO A 315 -21.12 7.54 11.35
C PRO A 315 -21.56 9.02 11.15
N TYR A 316 -22.11 9.59 12.21
CA TYR A 316 -22.62 10.98 12.27
C TYR A 316 -23.51 11.24 11.02
N PRO A 317 -24.57 10.46 10.82
CA PRO A 317 -25.28 10.67 9.55
C PRO A 317 -26.03 12.01 9.47
N ASN A 318 -26.25 12.65 10.62
CA ASN A 318 -26.93 13.96 10.70
C ASN A 318 -25.95 15.15 10.42
N LEU A 319 -24.66 14.89 10.27
CA LEU A 319 -23.64 15.99 10.30
C LEU A 319 -22.78 15.99 9.03
N SER A 320 -22.54 17.17 8.50
CA SER A 320 -21.49 17.31 7.49
C SER A 320 -20.11 17.00 8.17
N ASN A 321 -19.09 16.91 7.36
CA ASN A 321 -17.72 16.75 7.82
C ASN A 321 -17.35 17.87 8.76
N GLN A 322 -17.60 19.09 8.33
CA GLN A 322 -17.25 20.26 9.17
C GLN A 322 -18.04 20.33 10.50
N GLN A 323 -19.35 20.04 10.43
CA GLN A 323 -20.18 19.96 11.62
C GLN A 323 -19.67 18.85 12.58
N THR A 324 -19.07 17.78 12.07
CA THR A 324 -18.53 16.66 12.90
C THR A 324 -17.35 17.20 13.74
N ARG A 325 -16.42 17.91 13.09
CA ARG A 325 -15.32 18.59 13.78
C ARG A 325 -15.82 19.45 14.90
N GLU A 326 -16.78 20.32 14.59
CA GLU A 326 -17.33 21.25 15.55
C GLU A 326 -18.08 20.56 16.72
N PHE A 327 -18.82 19.53 16.38
CA PHE A 327 -19.61 18.71 17.31
C PHE A 327 -18.70 18.06 18.35
N VAL A 328 -17.66 17.39 17.85
CA VAL A 328 -16.65 16.73 18.66
C VAL A 328 -15.87 17.70 19.54
N GLU A 329 -15.55 18.88 19.00
CA GLU A 329 -14.84 19.90 19.75
C GLU A 329 -15.61 20.52 20.90
N LYS A 330 -16.92 20.27 21.00
CA LYS A 330 -17.69 20.71 22.12
C LYS A 330 -18.19 19.50 22.94
N GLY A 331 -17.63 18.34 22.69
CA GLY A 331 -17.92 17.15 23.53
C GLY A 331 -18.90 16.16 22.93
N GLY A 332 -19.39 16.40 21.73
CA GLY A 332 -20.29 15.43 21.02
C GLY A 332 -19.57 14.14 20.70
N ARG A 333 -20.28 13.02 20.84
CA ARG A 333 -19.82 11.73 20.38
C ARG A 333 -21.01 10.97 19.79
N LEU A 334 -20.68 9.93 19.06
CA LEU A 334 -21.66 9.03 18.54
C LEU A 334 -22.43 8.39 19.67
N PRO A 335 -23.71 8.10 19.45
CA PRO A 335 -24.50 7.38 20.46
C PRO A 335 -24.22 5.87 20.41
N CYS A 336 -24.60 5.17 21.46
CA CYS A 336 -24.45 3.73 21.52
C CYS A 336 -25.39 2.99 20.53
N PRO A 337 -24.85 2.23 19.57
CA PRO A 337 -25.74 1.51 18.66
C PRO A 337 -26.65 0.55 19.41
N GLU A 338 -27.85 0.34 18.93
CA GLU A 338 -28.75 -0.59 19.56
C GLU A 338 -28.11 -1.93 19.89
N LEU A 339 -27.36 -2.50 18.93
CA LEU A 339 -26.75 -3.81 19.10
C LEU A 339 -25.49 -3.83 19.97
N CYS A 340 -24.92 -2.65 20.24
CA CYS A 340 -23.65 -2.56 20.92
C CYS A 340 -23.81 -2.76 22.45
N PRO A 341 -23.19 -3.81 23.03
CA PRO A 341 -23.24 -3.97 24.48
C PRO A 341 -22.70 -2.76 25.20
N ASP A 342 -23.23 -2.48 26.37
CA ASP A 342 -22.85 -1.33 27.15
C ASP A 342 -21.32 -1.31 27.45
N ALA A 343 -20.72 -2.46 27.72
CA ALA A 343 -19.31 -2.57 28.00
C ALA A 343 -18.46 -2.18 26.77
N VAL A 344 -18.93 -2.55 25.60
CA VAL A 344 -18.24 -2.16 24.36
C VAL A 344 -18.37 -0.64 24.14
N PHE A 345 -19.54 -0.10 24.45
CA PHE A 345 -19.68 1.35 24.34
C PHE A 345 -18.79 2.10 25.33
N ARG A 346 -18.63 1.57 26.54
CA ARG A 346 -17.75 2.22 27.51
C ARG A 346 -16.31 2.22 26.97
N LEU A 347 -15.92 1.14 26.31
CA LEU A 347 -14.59 1.05 25.69
C LEU A 347 -14.45 2.07 24.57
N MET A 348 -15.48 2.19 23.73
CA MET A 348 -15.48 3.15 22.65
C MET A 348 -15.31 4.56 23.20
N GLU A 349 -16.00 4.88 24.28
CA GLU A 349 -15.89 6.21 24.84
C GLU A 349 -14.47 6.51 25.32
N GLN A 350 -13.75 5.50 25.85
CA GLN A 350 -12.32 5.63 26.23
C GLN A 350 -11.52 5.84 25.00
N CYS A 351 -11.82 5.09 23.93
CA CYS A 351 -11.09 5.26 22.65
C CYS A 351 -11.25 6.69 22.14
N TRP A 352 -12.41 7.30 22.39
CA TRP A 352 -12.58 8.67 21.94
C TRP A 352 -12.49 9.71 23.01
N ALA A 353 -11.65 9.45 23.99
CA ALA A 353 -11.32 10.45 25.02
C ALA A 353 -10.66 11.63 24.32
N TYR A 354 -11.10 12.86 24.61
CA TYR A 354 -10.54 14.02 23.94
C TYR A 354 -9.00 14.07 24.12
N GLU A 355 -8.52 13.84 25.35
CA GLU A 355 -7.06 13.84 25.70
C GLU A 355 -6.45 12.52 25.21
N PRO A 356 -5.59 12.60 24.20
CA PRO A 356 -5.06 11.39 23.52
C PRO A 356 -4.33 10.42 24.49
N GLY A 357 -3.63 10.97 25.48
CA GLY A 357 -2.98 10.18 26.51
C GLY A 357 -3.88 9.32 27.39
N GLN A 358 -5.13 9.72 27.48
CA GLN A 358 -6.18 8.99 28.23
C GLN A 358 -6.83 7.83 27.51
N ARG A 359 -6.60 7.73 26.20
CA ARG A 359 -7.05 6.61 25.40
C ARG A 359 -6.29 5.30 25.78
N PRO A 360 -6.98 4.18 25.72
CA PRO A 360 -6.35 2.90 25.97
C PRO A 360 -5.37 2.53 24.87
N SER A 361 -4.44 1.65 25.19
CA SER A 361 -3.60 1.04 24.18
C SER A 361 -4.34 -0.02 23.36
N PHE A 362 -3.78 -0.40 22.21
CA PHE A 362 -4.32 -1.53 21.51
C PHE A 362 -4.27 -2.83 22.26
N SER A 363 -3.24 -3.02 23.10
CA SER A 363 -3.19 -4.24 23.93
C SER A 363 -4.36 -4.27 24.88
N THR A 364 -4.61 -3.13 25.51
CA THR A 364 -5.71 -3.02 26.49
C THR A 364 -7.08 -3.26 25.80
N ILE A 365 -7.27 -2.60 24.64
CA ILE A 365 -8.46 -2.80 23.79
C ILE A 365 -8.66 -4.30 23.47
N TYR A 366 -7.60 -4.98 23.03
CA TYR A 366 -7.69 -6.40 22.68
C TYR A 366 -8.16 -7.22 23.89
N GLN A 367 -7.54 -6.95 25.03
CA GLN A 367 -7.81 -7.66 26.28
C GLN A 367 -9.27 -7.46 26.73
N GLU A 368 -9.78 -6.24 26.64
CA GLU A 368 -11.10 -5.94 27.10
C GLU A 368 -12.13 -6.51 26.11
N LEU A 369 -11.85 -6.46 24.82
CA LEU A 369 -12.79 -7.12 23.84
C LEU A 369 -12.88 -8.63 24.07
N GLN A 370 -11.76 -9.25 24.36
CA GLN A 370 -11.70 -10.68 24.60
C GLN A 370 -12.51 -11.03 25.86
N SER A 371 -12.41 -10.17 26.86
CA SER A 371 -13.10 -10.40 28.12
C SER A 371 -14.61 -10.25 27.93
N ILE A 372 -15.01 -9.17 27.29
CA ILE A 372 -16.43 -8.92 26.98
C ILE A 372 -17.03 -10.08 26.16
N ARG A 373 -16.26 -10.63 25.26
CA ARG A 373 -16.79 -11.67 24.38
C ARG A 373 -17.18 -12.95 25.13
N LYS A 374 -16.55 -13.22 26.29
CA LYS A 374 -16.97 -14.40 27.08
C LYS A 374 -18.35 -14.27 27.74
N ARG A 375 -18.91 -13.07 27.71
CA ARG A 375 -20.25 -12.75 28.29
C ARG A 375 -21.35 -12.71 27.27
N HIS A 376 -21.07 -13.26 26.08
CA HIS A 376 -22.01 -13.29 24.96
C HIS A 376 -22.07 -14.67 24.43
N ARG A 377 -23.28 -15.17 24.19
CA ARG A 377 -23.46 -16.57 23.69
C ARG A 377 -23.19 -16.69 22.19
#